data_5DYB
#
_entry.id   5DYB
#
_cell.length_a   54.154
_cell.length_b   81.044
_cell.length_c   58.100
_cell.angle_alpha   90.000
_cell.angle_beta   110.160
_cell.angle_gamma   90.000
#
_symmetry.space_group_name_H-M   'P 1 21 1'
#
loop_
_entity.id
_entity.type
_entity.pdbx_description
1 polymer 'Estrogen receptor'
2 polymer 'Nuclear receptor coactivator 2'
3 non-polymer "4,4'-(3,4-dihydronaphthalen-2(1H)-ylidenemethanediyl)diphenol"
4 water water
#
loop_
_entity_poly.entity_id
_entity_poly.type
_entity_poly.pdbx_seq_one_letter_code
_entity_poly.pdbx_strand_id
1 'polypeptide(L)'
;IKRSKKNSLALSLTADQMVSALLDAEPPILYSEYDPTRPFSEASMMGLLTNLADRELVHMINWAKRVPGFVDLTLHDQVH
LLECAWLEILMIGLVWRSMEHPGKLLFAPNLLLDRNQGKCVEGMVEIFDMLLATSSRFRMMNLQGEEFVCLKSIILLNSG
VYTFLSSTLKSLEEKDHIHRVLDKITDTLIHLMAKAGLTLQQQHQRLAQLLLILSHIRHMSNKGMEHLYSMKCKNVVPLS
DLLLEMLDAHRLHAPTS
;
A,B
2 'polypeptide(L)' KHKILHRLLQDSSS C,D
#
loop_
_chem_comp.id
_chem_comp.type
_chem_comp.name
_chem_comp.formula
5K2 non-polymer 4,4'-(3,4-dihydronaphthalen-2(1H)-ylidenemethanediyl)diphenol 'C23 H20 O2'
#
# COMPACT_ATOMS: atom_id res chain seq x y z
N SER A 8 -18.32 11.80 14.72
CA SER A 8 -18.31 12.88 15.69
C SER A 8 -18.33 12.31 17.10
N LEU A 9 -19.23 11.35 17.32
CA LEU A 9 -19.30 10.64 18.58
C LEU A 9 -18.05 9.81 18.77
N ALA A 10 -17.39 9.50 17.65
CA ALA A 10 -16.19 8.67 17.65
C ALA A 10 -15.07 9.32 18.45
N LEU A 11 -14.94 10.64 18.34
CA LEU A 11 -13.82 11.33 18.97
C LEU A 11 -14.02 11.46 20.48
N SER A 12 -15.27 11.42 20.93
CA SER A 12 -15.58 11.53 22.35
C SER A 12 -15.30 10.21 23.07
N LEU A 13 -15.09 9.15 22.29
CA LEU A 13 -14.82 7.83 22.83
C LEU A 13 -13.43 7.73 23.45
N THR A 14 -13.31 6.93 24.50
CA THR A 14 -12.01 6.63 25.09
C THR A 14 -11.39 5.47 24.32
N ALA A 15 -10.16 5.14 24.65
CA ALA A 15 -9.47 4.05 23.97
C ALA A 15 -10.18 2.71 24.21
N ASP A 16 -10.43 2.40 25.48
CA ASP A 16 -11.12 1.17 25.84
C ASP A 16 -12.48 1.09 25.16
N GLN A 17 -13.18 2.22 25.12
CA GLN A 17 -14.48 2.29 24.46
C GLN A 17 -14.34 2.06 22.96
N MET A 18 -13.30 2.66 22.37
CA MET A 18 -12.99 2.45 20.96
C MET A 18 -12.75 0.96 20.71
N VAL A 19 -11.90 0.35 21.52
CA VAL A 19 -11.60 -1.08 21.41
C VAL A 19 -12.86 -1.96 21.51
N SER A 20 -13.69 -1.72 22.53
CA SER A 20 -14.84 -2.59 22.77
C SER A 20 -15.89 -2.43 21.68
N ALA A 21 -16.05 -1.22 21.15
CA ALA A 21 -16.96 -0.98 20.04
C ALA A 21 -16.52 -1.74 18.78
N LEU A 22 -15.22 -1.71 18.49
CA LEU A 22 -14.70 -2.40 17.31
C LEU A 22 -14.80 -3.92 17.44
N LEU A 23 -14.51 -4.43 18.62
CA LEU A 23 -14.68 -5.86 18.88
C LEU A 23 -16.16 -6.26 18.78
N ASP A 24 -17.05 -5.36 19.21
CA ASP A 24 -18.48 -5.63 19.17
C ASP A 24 -19.01 -5.64 17.74
N ALA A 25 -18.36 -4.87 16.87
CA ALA A 25 -18.78 -4.75 15.48
C ALA A 25 -18.30 -5.90 14.62
N GLU A 26 -17.37 -6.70 15.14
CA GLU A 26 -16.75 -7.79 14.38
C GLU A 26 -17.75 -8.64 13.64
N PRO A 27 -17.51 -8.89 12.35
CA PRO A 27 -18.34 -9.82 11.58
C PRO A 27 -18.02 -11.23 12.03
N PRO A 28 -18.95 -12.16 11.83
CA PRO A 28 -18.65 -13.55 12.17
C PRO A 28 -17.78 -14.22 11.13
N ILE A 29 -17.12 -15.32 11.51
CA ILE A 29 -16.44 -16.18 10.57
C ILE A 29 -17.45 -17.07 9.87
N LEU A 30 -17.61 -16.90 8.56
CA LEU A 30 -18.59 -17.68 7.82
C LEU A 30 -17.99 -19.01 7.35
N TYR A 31 -18.86 -19.93 6.97
CA TYR A 31 -18.44 -21.23 6.46
C TYR A 31 -18.60 -21.29 4.94
N SER A 32 -17.80 -22.13 4.30
CA SER A 32 -18.01 -22.42 2.88
C SER A 32 -19.03 -23.55 2.73
N GLU A 33 -19.33 -23.91 1.48
CA GLU A 33 -20.16 -25.08 1.21
C GLU A 33 -19.46 -26.35 1.68
N TYR A 34 -20.23 -27.34 2.08
CA TYR A 34 -19.68 -28.60 2.57
C TYR A 34 -19.56 -29.63 1.45
N THR A 37 -15.80 -31.19 -0.79
CA THR A 37 -14.77 -31.75 -1.65
C THR A 37 -13.67 -30.72 -1.89
N ARG A 38 -12.42 -31.16 -1.76
CA ARG A 38 -11.28 -30.26 -1.86
C ARG A 38 -11.10 -29.71 -3.27
N PRO A 39 -11.21 -28.37 -3.42
CA PRO A 39 -11.11 -27.71 -4.72
C PRO A 39 -9.71 -27.73 -5.32
N PHE A 40 -9.62 -27.91 -6.64
CA PHE A 40 -8.34 -27.90 -7.34
C PHE A 40 -8.49 -27.18 -8.66
N SER A 41 -9.61 -27.40 -9.34
CA SER A 41 -9.86 -26.69 -10.57
C SER A 41 -10.14 -25.24 -10.25
N GLU A 42 -10.17 -24.42 -11.27
CA GLU A 42 -10.39 -23.00 -11.11
C GLU A 42 -11.87 -22.71 -10.89
N ALA A 43 -12.72 -23.42 -11.62
CA ALA A 43 -14.16 -23.23 -11.50
C ALA A 43 -14.65 -23.57 -10.09
N SER A 44 -14.08 -24.62 -9.52
CA SER A 44 -14.50 -25.08 -8.20
C SER A 44 -13.99 -24.14 -7.12
N MET A 45 -12.72 -23.76 -7.23
CA MET A 45 -12.10 -22.88 -6.25
C MET A 45 -12.72 -21.49 -6.29
N MET A 46 -12.77 -20.88 -7.46
CA MET A 46 -13.31 -19.54 -7.59
C MET A 46 -14.80 -19.50 -7.28
N GLY A 47 -15.48 -20.60 -7.57
CA GLY A 47 -16.89 -20.73 -7.21
C GLY A 47 -17.08 -20.61 -5.71
N LEU A 48 -16.31 -21.39 -4.95
CA LEU A 48 -16.40 -21.41 -3.49
C LEU A 48 -16.00 -20.08 -2.88
N LEU A 49 -14.95 -19.47 -3.43
CA LEU A 49 -14.46 -18.20 -2.92
C LEU A 49 -15.41 -17.05 -3.21
N THR A 50 -16.05 -17.09 -4.38
CA THR A 50 -16.97 -16.04 -4.78
C THR A 50 -18.22 -16.06 -3.92
N ASN A 51 -18.80 -17.24 -3.74
CA ASN A 51 -19.94 -17.44 -2.85
C ASN A 51 -19.63 -16.93 -1.46
N LEU A 52 -18.45 -17.28 -0.95
CA LEU A 52 -18.03 -16.91 0.39
C LEU A 52 -17.88 -15.40 0.54
N ALA A 53 -17.12 -14.79 -0.37
CA ALA A 53 -16.90 -13.36 -0.35
C ALA A 53 -18.21 -12.58 -0.42
N ASP A 54 -19.12 -13.05 -1.25
CA ASP A 54 -20.42 -12.40 -1.40
C ASP A 54 -21.16 -12.32 -0.08
N ARG A 55 -21.16 -13.42 0.66
CA ARG A 55 -21.82 -13.43 1.95
C ARG A 55 -21.05 -12.58 2.94
N GLU A 56 -19.73 -12.70 2.95
CA GLU A 56 -18.88 -11.88 3.82
C GLU A 56 -19.10 -10.39 3.61
N LEU A 57 -19.35 -10.00 2.36
CA LEU A 57 -19.54 -8.59 2.02
C LEU A 57 -20.75 -8.00 2.72
N VAL A 58 -21.82 -8.78 2.84
CA VAL A 58 -23.02 -8.30 3.49
C VAL A 58 -22.74 -7.98 4.95
N HIS A 59 -21.95 -8.85 5.60
CA HIS A 59 -21.54 -8.62 6.98
C HIS A 59 -20.56 -7.45 7.09
N MET A 60 -19.69 -7.31 6.10
CA MET A 60 -18.73 -6.20 6.08
C MET A 60 -19.45 -4.85 6.10
N ILE A 61 -20.47 -4.73 5.26
CA ILE A 61 -21.25 -3.51 5.17
C ILE A 61 -21.87 -3.13 6.52
N ASN A 62 -22.48 -4.09 7.19
CA ASN A 62 -23.06 -3.81 8.50
C ASN A 62 -22.01 -3.63 9.58
N TRP A 63 -20.88 -4.33 9.46
CA TRP A 63 -19.71 -4.04 10.27
C TRP A 63 -19.28 -2.59 10.11
N ALA A 64 -19.11 -2.15 8.86
CA ALA A 64 -18.57 -0.82 8.57
C ALA A 64 -19.43 0.28 9.19
N LYS A 65 -20.74 0.08 9.18
CA LYS A 65 -21.66 1.07 9.75
C LYS A 65 -21.51 1.16 11.26
N ARG A 66 -20.83 0.17 11.84
CA ARG A 66 -20.62 0.16 13.28
C ARG A 66 -19.19 0.58 13.65
N VAL A 67 -18.37 0.90 12.65
CA VAL A 67 -17.06 1.51 12.90
C VAL A 67 -17.27 2.97 13.23
N PRO A 68 -16.86 3.40 14.44
CA PRO A 68 -17.13 4.78 14.87
C PRO A 68 -16.56 5.82 13.91
N GLY A 69 -17.38 6.80 13.54
CA GLY A 69 -16.98 7.81 12.58
C GLY A 69 -17.55 7.56 11.19
N PHE A 70 -17.69 6.29 10.83
CA PHE A 70 -18.13 5.91 9.49
C PHE A 70 -19.53 6.42 9.15
N VAL A 71 -20.47 6.24 10.08
CA VAL A 71 -21.85 6.65 9.88
C VAL A 71 -21.98 8.18 9.79
N ASP A 72 -21.00 8.89 10.34
CA ASP A 72 -20.99 10.36 10.32
C ASP A 72 -20.66 10.89 8.92
N LEU A 73 -20.23 10.01 8.03
CA LEU A 73 -19.93 10.36 6.66
C LEU A 73 -21.19 10.33 5.80
N THR A 74 -21.18 11.08 4.69
CA THR A 74 -22.28 11.03 3.74
C THR A 74 -22.35 9.63 3.14
N LEU A 75 -23.53 9.29 2.61
CA LEU A 75 -23.74 7.98 2.00
C LEU A 75 -22.75 7.73 0.86
N HIS A 76 -22.54 8.76 0.04
CA HIS A 76 -21.67 8.63 -1.12
C HIS A 76 -20.22 8.37 -0.70
N ASP A 77 -19.78 8.99 0.39
CA ASP A 77 -18.44 8.76 0.91
C ASP A 77 -18.33 7.35 1.50
N GLN A 78 -19.39 6.90 2.19
CA GLN A 78 -19.42 5.54 2.72
C GLN A 78 -19.29 4.56 1.56
N VAL A 79 -20.04 4.80 0.49
CA VAL A 79 -19.96 3.96 -0.71
C VAL A 79 -18.55 3.91 -1.27
N HIS A 80 -17.94 5.09 -1.45
CA HIS A 80 -16.58 5.20 -1.96
C HIS A 80 -15.60 4.36 -1.16
N LEU A 81 -15.58 4.55 0.17
CA LEU A 81 -14.61 3.87 1.03
C LEU A 81 -14.80 2.36 1.00
N LEU A 82 -16.04 1.89 1.01
CA LEU A 82 -16.29 0.45 0.93
C LEU A 82 -15.84 -0.12 -0.42
N GLU A 83 -16.21 0.56 -1.51
CA GLU A 83 -15.77 0.16 -2.84
C GLU A 83 -14.24 0.10 -2.97
N CYS A 84 -13.58 1.05 -2.33
CA CYS A 84 -12.12 1.12 -2.40
C CYS A 84 -11.44 0.01 -1.60
N ALA A 85 -11.99 -0.28 -0.42
CA ALA A 85 -11.31 -1.10 0.58
C ALA A 85 -11.78 -2.56 0.69
N TRP A 86 -12.88 -2.93 0.04
CA TRP A 86 -13.53 -4.20 0.35
C TRP A 86 -12.59 -5.42 0.25
N LEU A 87 -11.81 -5.51 -0.82
CA LEU A 87 -10.93 -6.68 -0.98
C LEU A 87 -9.79 -6.62 0.04
N GLU A 88 -9.26 -5.42 0.30
CA GLU A 88 -8.28 -5.25 1.37
C GLU A 88 -8.82 -5.77 2.71
N ILE A 89 -10.06 -5.42 3.02
CA ILE A 89 -10.68 -5.84 4.28
C ILE A 89 -10.95 -7.35 4.30
N LEU A 90 -11.37 -7.90 3.16
CA LEU A 90 -11.54 -9.35 3.07
C LEU A 90 -10.20 -10.04 3.30
N MET A 91 -9.17 -9.47 2.68
CA MET A 91 -7.85 -10.10 2.70
C MET A 91 -7.18 -10.06 4.07
N ILE A 92 -7.28 -8.94 4.78
CA ILE A 92 -6.66 -8.89 6.10
C ILE A 92 -7.44 -9.77 7.07
N GLY A 93 -8.74 -9.94 6.83
CA GLY A 93 -9.53 -10.92 7.55
C GLY A 93 -9.03 -12.34 7.31
N LEU A 94 -8.78 -12.66 6.03
CA LEU A 94 -8.29 -13.98 5.64
C LEU A 94 -6.94 -14.29 6.28
N VAL A 95 -6.05 -13.32 6.19
CA VAL A 95 -4.70 -13.43 6.72
C VAL A 95 -4.72 -13.59 8.25
N TRP A 96 -5.58 -12.82 8.91
CA TRP A 96 -5.71 -12.92 10.37
C TRP A 96 -6.12 -14.33 10.82
N ARG A 97 -7.21 -14.84 10.28
CA ARG A 97 -7.70 -16.14 10.77
C ARG A 97 -6.86 -17.31 10.24
N SER A 98 -5.89 -17.00 9.37
CA SER A 98 -4.97 -18.02 8.87
C SER A 98 -3.69 -18.10 9.69
N MET A 99 -3.59 -17.26 10.73
CA MET A 99 -2.36 -17.16 11.52
C MET A 99 -1.92 -18.49 12.12
N GLU A 100 -2.86 -19.19 12.75
CA GLU A 100 -2.54 -20.42 13.46
C GLU A 100 -2.47 -21.62 12.53
N HIS A 101 -2.37 -21.37 11.22
CA HIS A 101 -2.27 -22.44 10.23
C HIS A 101 -1.21 -22.13 9.17
N PRO A 102 0.07 -22.12 9.58
CA PRO A 102 1.22 -21.75 8.74
C PRO A 102 1.26 -22.52 7.42
N GLY A 103 1.48 -21.82 6.31
CA GLY A 103 1.55 -22.45 5.01
C GLY A 103 0.19 -22.66 4.37
N LYS A 104 -0.86 -22.28 5.09
CA LYS A 104 -2.22 -22.48 4.58
C LYS A 104 -3.10 -21.26 4.80
N LEU A 105 -4.16 -21.16 4.00
CA LEU A 105 -5.10 -20.05 4.14
C LEU A 105 -6.48 -20.59 4.57
N LEU A 106 -6.95 -20.11 5.71
CA LEU A 106 -8.24 -20.52 6.25
C LEU A 106 -9.33 -19.60 5.74
N PHE A 107 -9.78 -19.84 4.51
CA PHE A 107 -10.88 -19.05 3.96
C PHE A 107 -12.13 -19.22 4.80
N ALA A 108 -12.33 -20.44 5.28
CA ALA A 108 -13.41 -20.77 6.21
C ALA A 108 -12.96 -21.97 7.04
N PRO A 109 -13.55 -22.15 8.23
CA PRO A 109 -13.14 -23.27 9.09
C PRO A 109 -13.24 -24.63 8.38
N ASN A 110 -14.10 -24.73 7.37
CA ASN A 110 -14.21 -25.94 6.55
C ASN A 110 -13.61 -25.75 5.15
N LEU A 111 -12.76 -24.75 4.99
CA LEU A 111 -12.08 -24.52 3.72
C LEU A 111 -10.65 -24.03 3.95
N LEU A 112 -9.76 -24.98 4.25
CA LEU A 112 -8.35 -24.68 4.40
C LEU A 112 -7.63 -24.96 3.08
N LEU A 113 -7.04 -23.92 2.50
CA LEU A 113 -6.34 -24.05 1.22
C LEU A 113 -4.84 -23.82 1.38
N ASP A 114 -4.03 -24.65 0.70
CA ASP A 114 -2.60 -24.44 0.66
C ASP A 114 -2.12 -24.07 -0.75
N ARG A 115 -0.82 -23.87 -0.88
CA ARG A 115 -0.21 -23.50 -2.17
C ARG A 115 -0.62 -24.43 -3.31
N ASN A 116 -0.60 -25.73 -3.04
CA ASN A 116 -0.75 -26.74 -4.08
C ASN A 116 -2.03 -26.63 -4.90
N GLN A 117 -3.12 -26.17 -4.29
CA GLN A 117 -4.36 -26.01 -5.05
C GLN A 117 -4.36 -24.69 -5.82
N GLY A 118 -3.76 -23.67 -5.21
CA GLY A 118 -3.59 -22.40 -5.89
C GLY A 118 -2.66 -22.50 -7.08
N LYS A 119 -1.98 -23.63 -7.22
CA LYS A 119 -1.07 -23.87 -8.35
C LYS A 119 -1.83 -23.82 -9.68
N CYS A 120 -3.00 -24.45 -9.71
CA CYS A 120 -3.91 -24.31 -10.85
C CYS A 120 -4.48 -22.90 -10.82
N VAL A 121 -5.50 -22.65 -11.64
CA VAL A 121 -5.95 -21.30 -12.01
C VAL A 121 -4.82 -20.29 -12.13
N GLU A 122 -4.51 -19.91 -13.37
CA GLU A 122 -3.40 -19.02 -13.65
C GLU A 122 -3.48 -17.70 -12.88
N GLY A 123 -2.32 -17.23 -12.42
CA GLY A 123 -2.22 -15.94 -11.78
C GLY A 123 -2.69 -15.91 -10.34
N MET A 124 -2.82 -17.09 -9.73
CA MET A 124 -3.33 -17.18 -8.38
C MET A 124 -2.24 -17.42 -7.33
N VAL A 125 -1.32 -18.33 -7.64
CA VAL A 125 -0.35 -18.77 -6.64
C VAL A 125 0.58 -17.64 -6.17
N GLU A 126 0.75 -16.61 -6.99
CA GLU A 126 1.53 -15.46 -6.59
C GLU A 126 0.84 -14.70 -5.46
N ILE A 127 -0.42 -14.37 -5.68
CA ILE A 127 -1.23 -13.69 -4.68
C ILE A 127 -1.40 -14.57 -3.44
N PHE A 128 -1.53 -15.88 -3.67
CA PHE A 128 -1.57 -16.85 -2.59
C PHE A 128 -0.34 -16.75 -1.69
N ASP A 129 0.86 -16.75 -2.29
CA ASP A 129 2.11 -16.68 -1.54
C ASP A 129 2.25 -15.42 -0.69
N MET A 130 1.85 -14.28 -1.25
CA MET A 130 1.88 -13.01 -0.53
C MET A 130 0.99 -13.04 0.70
N LEU A 131 -0.21 -13.61 0.55
CA LEU A 131 -1.13 -13.77 1.65
C LEU A 131 -0.53 -14.66 2.74
N LEU A 132 0.09 -15.76 2.32
CA LEU A 132 0.79 -16.64 3.26
C LEU A 132 1.91 -15.90 4.00
N ALA A 133 2.68 -15.09 3.27
CA ALA A 133 3.79 -14.33 3.84
C ALA A 133 3.32 -13.29 4.85
N THR A 134 2.18 -12.66 4.56
CA THR A 134 1.60 -11.66 5.45
C THR A 134 1.09 -12.34 6.71
N SER A 135 0.44 -13.48 6.52
CA SER A 135 -0.10 -14.22 7.65
C SER A 135 1.03 -14.60 8.60
N SER A 136 2.08 -15.16 8.02
CA SER A 136 3.26 -15.55 8.79
C SER A 136 3.86 -14.35 9.49
N ARG A 137 3.88 -13.20 8.82
CA ARG A 137 4.41 -11.97 9.41
C ARG A 137 3.58 -11.56 10.63
N PHE A 138 2.27 -11.63 10.50
CA PHE A 138 1.35 -11.40 11.62
C PHE A 138 1.61 -12.36 12.77
N ARG A 139 1.89 -13.60 12.42
CA ARG A 139 2.12 -14.63 13.43
C ARG A 139 3.40 -14.36 14.22
N MET A 140 4.46 -13.98 13.50
CA MET A 140 5.73 -13.69 14.14
C MET A 140 5.65 -12.45 15.03
N MET A 141 4.85 -11.47 14.62
CA MET A 141 4.66 -10.27 15.42
C MET A 141 3.75 -10.52 16.61
N ASN A 142 3.12 -11.68 16.61
CA ASN A 142 2.13 -12.05 17.63
C ASN A 142 1.00 -11.02 17.68
N LEU A 143 0.50 -10.64 16.51
CA LEU A 143 -0.62 -9.71 16.38
C LEU A 143 -1.80 -10.12 17.26
N GLN A 144 -2.34 -9.16 17.99
CA GLN A 144 -3.47 -9.39 18.88
C GLN A 144 -4.78 -8.96 18.25
N GLY A 145 -5.86 -9.62 18.65
CA GLY A 145 -7.18 -9.37 18.09
C GLY A 145 -7.62 -7.92 18.18
N GLU A 146 -7.30 -7.29 19.31
CA GLU A 146 -7.60 -5.87 19.49
C GLU A 146 -6.82 -5.00 18.49
N GLU A 147 -5.59 -5.37 18.19
CA GLU A 147 -4.80 -4.67 17.18
C GLU A 147 -5.37 -4.88 15.78
N PHE A 148 -5.79 -6.12 15.52
CA PHE A 148 -6.34 -6.49 14.21
C PHE A 148 -7.54 -5.65 13.81
N VAL A 149 -8.51 -5.48 14.71
CA VAL A 149 -9.68 -4.69 14.40
C VAL A 149 -9.34 -3.22 14.26
N CYS A 150 -8.27 -2.78 14.91
CA CYS A 150 -7.80 -1.40 14.73
C CYS A 150 -7.27 -1.23 13.31
N LEU A 151 -6.48 -2.21 12.83
CA LEU A 151 -5.93 -2.17 11.48
C LEU A 151 -7.03 -2.22 10.43
N LYS A 152 -8.02 -3.09 10.65
CA LYS A 152 -9.10 -3.25 9.69
C LYS A 152 -9.86 -1.94 9.53
N SER A 153 -10.21 -1.31 10.66
CA SER A 153 -10.82 0.01 10.66
C SER A 153 -9.98 1.04 9.91
N ILE A 154 -8.67 1.02 10.14
CA ILE A 154 -7.77 1.95 9.47
C ILE A 154 -7.83 1.80 7.95
N ILE A 155 -7.84 0.55 7.47
CA ILE A 155 -7.95 0.28 6.04
C ILE A 155 -9.23 0.88 5.45
N LEU A 156 -10.36 0.61 6.10
CA LEU A 156 -11.65 1.19 5.70
C LEU A 156 -11.62 2.72 5.55
N LEU A 157 -11.05 3.40 6.55
CA LEU A 157 -11.11 4.85 6.60
C LEU A 157 -10.02 5.51 5.75
N ASN A 158 -8.89 4.82 5.59
CA ASN A 158 -7.76 5.44 4.91
C ASN A 158 -7.65 5.15 3.41
N SER A 159 -8.11 3.99 2.98
CA SER A 159 -7.77 3.51 1.64
C SER A 159 -8.36 4.38 0.52
N GLY A 160 -9.54 4.95 0.76
CA GLY A 160 -10.14 5.84 -0.22
C GLY A 160 -10.25 7.28 0.24
N VAL A 161 -9.36 7.68 1.14
CA VAL A 161 -9.45 9.00 1.76
C VAL A 161 -8.97 10.14 0.85
N TYR A 162 -8.50 9.81 -0.35
CA TYR A 162 -8.10 10.85 -1.30
C TYR A 162 -8.93 10.80 -2.56
N ASP A 176 -10.99 15.93 6.72
CA ASP A 176 -10.60 16.40 8.06
C ASP A 176 -11.14 15.48 9.13
N HIS A 177 -12.44 15.20 9.06
CA HIS A 177 -13.11 14.32 10.01
C HIS A 177 -12.46 12.94 10.05
N ILE A 178 -12.27 12.35 8.88
CA ILE A 178 -11.62 11.04 8.76
C ILE A 178 -10.22 11.06 9.36
N HIS A 179 -9.51 12.16 9.14
CA HIS A 179 -8.17 12.33 9.67
C HIS A 179 -8.17 12.26 11.20
N ARG A 180 -9.11 12.97 11.82
CA ARG A 180 -9.23 12.96 13.27
C ARG A 180 -9.57 11.57 13.79
N VAL A 181 -10.46 10.87 13.08
CA VAL A 181 -10.80 9.50 13.48
C VAL A 181 -9.61 8.57 13.28
N LEU A 182 -8.86 8.79 12.20
CA LEU A 182 -7.67 7.99 11.94
C LEU A 182 -6.65 8.20 13.06
N ASP A 183 -6.49 9.46 13.47
CA ASP A 183 -5.66 9.79 14.62
C ASP A 183 -6.15 9.08 15.88
N LYS A 184 -7.46 9.06 16.08
CA LYS A 184 -8.05 8.43 17.25
C LYS A 184 -7.72 6.94 17.31
N ILE A 185 -7.74 6.29 16.16
CA ILE A 185 -7.42 4.86 16.09
C ILE A 185 -5.93 4.63 16.38
N THR A 186 -5.08 5.56 15.93
CA THR A 186 -3.66 5.48 16.24
C THR A 186 -3.45 5.53 17.75
N ASP A 187 -4.11 6.50 18.39
CA ASP A 187 -4.15 6.57 19.85
C ASP A 187 -4.58 5.22 20.44
N THR A 188 -5.56 4.58 19.81
CA THR A 188 -6.08 3.32 20.32
C THR A 188 -5.03 2.21 20.20
N LEU A 189 -4.42 2.07 19.03
CA LEU A 189 -3.32 1.13 18.82
C LEU A 189 -2.22 1.28 19.87
N ILE A 190 -1.67 2.48 19.99
CA ILE A 190 -0.68 2.80 21.01
C ILE A 190 -1.16 2.38 22.41
N HIS A 191 -2.38 2.80 22.74
CA HIS A 191 -3.00 2.45 24.01
C HIS A 191 -2.96 0.94 24.27
N LEU A 192 -3.20 0.15 23.24
CA LEU A 192 -3.18 -1.31 23.35
C LEU A 192 -1.78 -1.84 23.62
N MET A 193 -0.80 -1.31 22.90
CA MET A 193 0.58 -1.71 23.08
C MET A 193 1.09 -1.32 24.46
N ALA A 194 0.72 -0.13 24.91
CA ALA A 194 1.12 0.30 26.26
C ALA A 194 0.54 -0.64 27.30
N LYS A 195 -0.75 -0.94 27.18
CA LYS A 195 -1.42 -1.86 28.10
C LYS A 195 -0.75 -3.23 28.14
N ALA A 196 -0.15 -3.62 27.01
CA ALA A 196 0.58 -4.89 26.91
C ALA A 196 1.97 -4.83 27.56
N GLY A 197 2.34 -3.68 28.13
CA GLY A 197 3.61 -3.53 28.82
C GLY A 197 4.80 -3.18 27.95
N LEU A 198 4.54 -2.71 26.73
CA LEU A 198 5.62 -2.36 25.81
C LEU A 198 6.24 -1.00 26.15
N THR A 199 7.55 -0.87 25.96
CA THR A 199 8.21 0.42 26.14
C THR A 199 7.73 1.39 25.07
N LEU A 200 8.06 2.67 25.24
CA LEU A 200 7.76 3.70 24.26
C LEU A 200 8.42 3.39 22.93
N GLN A 201 9.66 2.92 22.98
CA GLN A 201 10.40 2.61 21.76
C GLN A 201 9.75 1.42 21.06
N GLN A 202 9.42 0.38 21.83
CA GLN A 202 8.73 -0.78 21.30
C GLN A 202 7.37 -0.40 20.73
N GLN A 203 6.71 0.58 21.35
CA GLN A 203 5.40 1.03 20.90
C GLN A 203 5.43 1.61 19.49
N HIS A 204 6.26 2.64 19.26
CA HIS A 204 6.28 3.24 17.93
C HIS A 204 6.98 2.36 16.89
N GLN A 205 7.84 1.43 17.35
CA GLN A 205 8.43 0.46 16.44
C GLN A 205 7.38 -0.55 15.96
N ARG A 206 6.60 -1.07 16.90
CA ARG A 206 5.55 -2.02 16.56
C ARG A 206 4.48 -1.35 15.71
N LEU A 207 4.20 -0.09 16.00
CA LEU A 207 3.20 0.67 15.27
C LEU A 207 3.60 0.81 13.80
N ALA A 208 4.84 1.21 13.58
CA ALA A 208 5.38 1.33 12.22
C ALA A 208 5.32 0.01 11.48
N GLN A 209 5.68 -1.07 12.15
CA GLN A 209 5.66 -2.39 11.55
C GLN A 209 4.26 -2.80 11.10
N LEU A 210 3.27 -2.61 11.97
CA LEU A 210 1.88 -2.89 11.61
C LEU A 210 1.43 -2.09 10.37
N LEU A 211 1.68 -0.79 10.38
CA LEU A 211 1.21 0.08 9.32
C LEU A 211 1.90 -0.17 7.98
N LEU A 212 3.15 -0.63 8.02
CA LEU A 212 3.89 -0.98 6.80
C LEU A 212 3.28 -2.20 6.11
N ILE A 213 2.70 -3.10 6.88
CA ILE A 213 2.07 -4.28 6.33
C ILE A 213 0.82 -3.86 5.54
N LEU A 214 0.22 -2.75 5.92
CA LEU A 214 -0.93 -2.18 5.20
C LEU A 214 -0.61 -1.82 3.75
N SER A 215 0.64 -1.47 3.49
CA SER A 215 1.08 -1.20 2.12
C SER A 215 1.06 -2.49 1.29
N HIS A 216 1.36 -3.61 1.95
CA HIS A 216 1.37 -4.89 1.26
C HIS A 216 -0.03 -5.41 1.03
N ILE A 217 -0.91 -5.18 2.00
CA ILE A 217 -2.31 -5.57 1.88
C ILE A 217 -2.96 -4.82 0.72
N ARG A 218 -2.58 -3.55 0.56
CA ARG A 218 -3.03 -2.77 -0.58
C ARG A 218 -2.57 -3.38 -1.89
N HIS A 219 -1.31 -3.79 -1.92
CA HIS A 219 -0.73 -4.39 -3.12
C HIS A 219 -1.45 -5.67 -3.49
N MET A 220 -1.68 -6.52 -2.50
CA MET A 220 -2.33 -7.81 -2.73
C MET A 220 -3.75 -7.60 -3.23
N SER A 221 -4.42 -6.60 -2.68
CA SER A 221 -5.75 -6.23 -3.13
C SER A 221 -5.77 -5.82 -4.59
N ASN A 222 -4.85 -4.92 -4.98
CA ASN A 222 -4.83 -4.44 -6.36
C ASN A 222 -4.54 -5.57 -7.34
N LYS A 223 -3.64 -6.46 -6.96
CA LYS A 223 -3.29 -7.59 -7.82
C LYS A 223 -4.45 -8.59 -7.83
N GLY A 224 -5.15 -8.70 -6.69
CA GLY A 224 -6.32 -9.56 -6.62
C GLY A 224 -7.41 -9.00 -7.51
N MET A 225 -7.55 -7.69 -7.49
CA MET A 225 -8.60 -7.02 -8.24
C MET A 225 -8.48 -7.28 -9.75
N GLU A 226 -7.26 -7.23 -10.28
CA GLU A 226 -7.11 -7.50 -11.71
C GLU A 226 -7.33 -8.98 -12.02
N HIS A 227 -7.02 -9.85 -11.06
CA HIS A 227 -7.29 -11.28 -11.21
C HIS A 227 -8.80 -11.53 -11.30
N LEU A 228 -9.56 -10.87 -10.44
CA LEU A 228 -11.02 -11.00 -10.45
C LEU A 228 -11.61 -10.41 -11.73
N TYR A 229 -11.00 -9.35 -12.22
CA TYR A 229 -11.40 -8.76 -13.48
C TYR A 229 -11.18 -9.76 -14.61
N SER A 230 -10.05 -10.45 -14.57
CA SER A 230 -9.73 -11.47 -15.56
C SER A 230 -10.71 -12.62 -15.49
N MET A 231 -11.11 -12.99 -14.27
CA MET A 231 -12.07 -14.06 -14.07
C MET A 231 -13.43 -13.67 -14.63
N LYS A 232 -13.78 -12.40 -14.48
CA LYS A 232 -15.07 -11.90 -14.93
C LYS A 232 -15.20 -11.92 -16.44
N CYS A 233 -14.23 -11.31 -17.12
CA CYS A 233 -14.26 -11.20 -18.58
C CYS A 233 -14.28 -12.58 -19.23
N LYS A 234 -13.56 -13.52 -18.64
CA LYS A 234 -13.54 -14.85 -19.21
C LYS A 234 -14.85 -15.57 -18.95
N ASN A 235 -15.55 -15.15 -17.89
CA ASN A 235 -16.92 -15.61 -17.62
C ASN A 235 -17.00 -17.10 -17.27
N VAL A 236 -16.05 -17.58 -16.47
CA VAL A 236 -16.06 -18.97 -16.02
C VAL A 236 -16.98 -19.11 -14.82
N VAL A 237 -16.78 -18.24 -13.84
CA VAL A 237 -17.58 -18.25 -12.61
C VAL A 237 -18.57 -17.09 -12.61
N PRO A 238 -19.84 -17.37 -12.28
CA PRO A 238 -20.86 -16.33 -12.17
C PRO A 238 -20.64 -15.44 -10.95
N LEU A 239 -20.41 -14.15 -11.21
CA LEU A 239 -20.26 -13.19 -10.14
C LEU A 239 -21.65 -12.72 -9.70
N SER A 240 -21.80 -12.47 -8.41
CA SER A 240 -23.04 -11.87 -7.91
C SER A 240 -23.09 -10.42 -8.35
N ASP A 241 -24.30 -9.86 -8.41
CA ASP A 241 -24.48 -8.47 -8.82
C ASP A 241 -23.71 -7.52 -7.91
N LEU A 242 -23.69 -7.81 -6.62
CA LEU A 242 -22.95 -7.00 -5.64
C LEU A 242 -21.45 -7.04 -5.91
N LEU A 243 -20.90 -8.22 -6.15
CA LEU A 243 -19.48 -8.35 -6.45
C LEU A 243 -19.14 -7.65 -7.74
N LEU A 244 -20.00 -7.78 -8.74
CA LEU A 244 -19.77 -7.17 -10.03
C LEU A 244 -19.69 -5.65 -9.88
N GLU A 245 -20.55 -5.10 -9.03
CA GLU A 245 -20.54 -3.66 -8.82
C GLU A 245 -19.32 -3.23 -8.02
N MET A 246 -18.95 -4.01 -7.00
CA MET A 246 -17.75 -3.72 -6.20
C MET A 246 -16.49 -3.78 -7.08
N LEU A 247 -16.49 -4.71 -8.03
CA LEU A 247 -15.36 -4.95 -8.91
C LEU A 247 -15.22 -3.84 -9.96
N ASP A 248 -16.33 -3.46 -10.59
CA ASP A 248 -16.31 -2.43 -11.62
C ASP A 248 -15.98 -1.04 -11.09
N ALA A 249 -16.11 -0.85 -9.77
CA ALA A 249 -15.75 0.42 -9.15
C ALA A 249 -14.25 0.68 -9.28
N HIS A 250 -13.49 -0.39 -9.47
CA HIS A 250 -12.05 -0.30 -9.69
C HIS A 250 -11.70 -0.27 -11.17
N ARG A 251 -12.35 -1.12 -11.95
CA ARG A 251 -12.12 -1.16 -13.38
C ARG A 251 -12.78 0.03 -14.08
N SER B 8 26.41 -4.14 8.36
CA SER B 8 26.75 -3.79 9.74
C SER B 8 26.84 -2.28 9.90
N LEU B 9 27.17 -1.61 8.81
CA LEU B 9 27.37 -0.16 8.82
C LEU B 9 26.08 0.57 9.15
N ALA B 10 24.97 0.09 8.59
CA ALA B 10 23.68 0.76 8.71
C ALA B 10 23.18 0.80 10.15
N LEU B 11 23.34 -0.30 10.87
CA LEU B 11 22.82 -0.41 12.23
C LEU B 11 23.66 0.37 13.23
N SER B 12 24.88 0.72 12.82
CA SER B 12 25.79 1.46 13.68
C SER B 12 25.50 2.96 13.68
N LEU B 13 24.89 3.44 12.60
CA LEU B 13 24.65 4.87 12.43
C LEU B 13 23.69 5.43 13.47
N THR B 14 23.91 6.68 13.84
CA THR B 14 22.96 7.38 14.70
C THR B 14 21.84 7.89 13.81
N ALA B 15 20.74 8.30 14.43
CA ALA B 15 19.60 8.84 13.69
C ALA B 15 20.00 10.07 12.88
N ASP B 16 20.86 10.90 13.47
CA ASP B 16 21.34 12.09 12.78
C ASP B 16 22.30 11.72 11.66
N GLN B 17 23.08 10.67 11.88
CA GLN B 17 23.97 10.14 10.85
C GLN B 17 23.14 9.50 9.72
N MET B 18 22.06 8.83 10.09
CA MET B 18 21.15 8.23 9.12
C MET B 18 20.59 9.30 8.18
N VAL B 19 20.02 10.35 8.79
CA VAL B 19 19.46 11.47 8.05
C VAL B 19 20.51 12.09 7.14
N SER B 20 21.65 12.42 7.73
CA SER B 20 22.79 12.98 6.99
C SER B 20 23.11 12.12 5.77
N ALA B 21 23.25 10.81 5.98
CA ALA B 21 23.52 9.88 4.89
C ALA B 21 22.43 9.89 3.80
N LEU B 22 21.17 9.95 4.22
CA LEU B 22 20.08 9.90 3.25
C LEU B 22 20.02 11.20 2.45
N LEU B 23 20.20 12.32 3.12
CA LEU B 23 20.25 13.63 2.47
C LEU B 23 21.30 13.68 1.37
N ASP B 24 22.51 13.20 1.67
CA ASP B 24 23.60 13.26 0.70
C ASP B 24 23.46 12.25 -0.42
N ALA B 25 22.57 11.28 -0.26
CA ALA B 25 22.34 10.28 -1.29
C ALA B 25 21.29 10.75 -2.29
N GLU B 26 20.65 11.88 -1.99
CA GLU B 26 19.57 12.41 -2.84
C GLU B 26 20.00 12.59 -4.28
N PRO B 27 19.26 11.96 -5.20
CA PRO B 27 19.47 12.14 -6.64
C PRO B 27 19.12 13.56 -7.04
N PRO B 28 19.57 14.00 -8.22
CA PRO B 28 19.20 15.37 -8.62
C PRO B 28 17.83 15.44 -9.27
N ILE B 29 17.30 16.63 -9.38
CA ILE B 29 16.09 16.86 -10.16
C ILE B 29 16.48 17.05 -11.63
N LEU B 30 16.02 16.14 -12.49
CA LEU B 30 16.35 16.17 -13.91
C LEU B 30 15.38 17.03 -14.71
N TYR B 31 15.79 17.44 -15.90
CA TYR B 31 14.93 18.19 -16.80
C TYR B 31 14.29 17.27 -17.82
N SER B 32 13.12 17.66 -18.31
CA SER B 32 12.47 16.97 -19.39
C SER B 32 12.92 17.59 -20.71
N GLU B 33 12.50 17.00 -21.82
CA GLU B 33 12.84 17.57 -23.11
C GLU B 33 11.71 18.44 -23.62
N TYR B 34 10.81 18.82 -22.70
CA TYR B 34 9.65 19.63 -23.05
C TYR B 34 10.05 20.95 -23.69
N ASP B 35 9.19 21.42 -24.59
CA ASP B 35 9.40 22.67 -25.34
C ASP B 35 8.02 23.26 -25.61
N PRO B 36 7.73 24.42 -24.99
CA PRO B 36 6.40 25.03 -25.05
C PRO B 36 5.97 25.33 -26.49
N THR B 37 6.94 25.45 -27.39
CA THR B 37 6.67 25.71 -28.80
C THR B 37 6.49 24.41 -29.57
N ARG B 38 6.34 23.31 -28.83
CA ARG B 38 6.18 21.98 -29.41
C ARG B 38 4.79 21.43 -29.09
N PRO B 39 4.10 20.89 -30.11
CA PRO B 39 2.75 20.32 -29.97
C PRO B 39 2.66 19.18 -28.97
N PHE B 40 1.45 18.82 -28.57
CA PHE B 40 1.25 17.82 -27.52
C PHE B 40 0.78 16.47 -28.04
N SER B 41 -0.46 16.12 -27.67
CA SER B 41 -1.05 14.79 -27.83
C SER B 41 -0.52 13.82 -26.77
N GLU B 42 -1.27 12.76 -26.51
CA GLU B 42 -0.92 11.79 -25.48
C GLU B 42 0.42 11.13 -25.75
N ALA B 43 0.75 10.96 -27.03
CA ALA B 43 2.02 10.34 -27.41
C ALA B 43 3.22 11.13 -26.91
N SER B 44 3.22 12.44 -27.20
CA SER B 44 4.35 13.31 -26.86
C SER B 44 4.58 13.38 -25.36
N MET B 45 3.49 13.53 -24.61
CA MET B 45 3.60 13.68 -23.17
C MET B 45 4.11 12.42 -22.52
N MET B 46 3.53 11.28 -22.88
CA MET B 46 3.96 10.02 -22.30
C MET B 46 5.39 9.71 -22.71
N GLY B 47 5.74 10.11 -23.93
CA GLY B 47 7.10 9.99 -24.42
C GLY B 47 8.04 10.83 -23.56
N LEU B 48 7.64 12.06 -23.29
CA LEU B 48 8.42 12.94 -22.42
C LEU B 48 8.62 12.32 -21.04
N LEU B 49 7.54 11.87 -20.41
CA LEU B 49 7.64 11.31 -19.07
C LEU B 49 8.42 10.00 -19.04
N THR B 50 8.30 9.20 -20.10
CA THR B 50 9.03 7.95 -20.22
C THR B 50 10.53 8.21 -20.31
N ASN B 51 10.89 9.11 -21.22
CA ASN B 51 12.27 9.57 -21.35
C ASN B 51 12.80 10.06 -20.02
N LEU B 52 12.00 10.88 -19.34
CA LEU B 52 12.38 11.46 -18.05
C LEU B 52 12.57 10.37 -17.00
N ALA B 53 11.61 9.47 -16.88
CA ALA B 53 11.67 8.39 -15.92
C ALA B 53 12.91 7.52 -16.16
N ASP B 54 13.17 7.23 -17.42
CA ASP B 54 14.26 6.35 -17.80
C ASP B 54 15.61 6.88 -17.31
N ARG B 55 15.78 8.20 -17.34
CA ARG B 55 17.02 8.80 -16.84
C ARG B 55 17.02 8.87 -15.31
N GLU B 56 15.85 9.04 -14.72
CA GLU B 56 15.75 9.07 -13.27
C GLU B 56 16.09 7.72 -12.65
N LEU B 57 15.80 6.65 -13.39
CA LEU B 57 16.11 5.30 -12.95
C LEU B 57 17.60 5.09 -12.71
N VAL B 58 18.42 5.57 -13.63
CA VAL B 58 19.87 5.42 -13.50
C VAL B 58 20.35 6.09 -12.21
N HIS B 59 19.78 7.25 -11.88
CA HIS B 59 20.13 7.94 -10.65
C HIS B 59 19.56 7.21 -9.44
N MET B 60 18.39 6.60 -9.61
CA MET B 60 17.74 5.89 -8.51
C MET B 60 18.54 4.66 -8.11
N ILE B 61 19.08 3.98 -9.11
CA ILE B 61 19.86 2.76 -8.88
C ILE B 61 21.11 3.08 -8.06
N ASN B 62 21.76 4.19 -8.37
CA ASN B 62 22.95 4.60 -7.64
C ASN B 62 22.59 5.24 -6.30
N TRP B 63 21.40 5.83 -6.22
CA TRP B 63 20.89 6.29 -4.93
C TRP B 63 20.64 5.11 -3.98
N ALA B 64 20.04 4.04 -4.50
CA ALA B 64 19.71 2.88 -3.67
C ALA B 64 20.97 2.29 -3.03
N LYS B 65 22.06 2.29 -3.78
CA LYS B 65 23.31 1.74 -3.30
C LYS B 65 23.88 2.57 -2.14
N ARG B 66 23.38 3.79 -2.00
CA ARG B 66 23.85 4.67 -0.93
C ARG B 66 22.86 4.70 0.23
N VAL B 67 21.75 3.98 0.07
CA VAL B 67 20.81 3.78 1.16
C VAL B 67 21.38 2.76 2.12
N PRO B 68 21.62 3.16 3.38
CA PRO B 68 22.25 2.33 4.41
C PRO B 68 21.64 0.94 4.50
N GLY B 69 22.45 -0.09 4.34
CA GLY B 69 21.99 -1.46 4.43
C GLY B 69 21.63 -2.12 3.11
N PHE B 70 21.41 -1.32 2.07
CA PHE B 70 20.98 -1.86 0.78
C PHE B 70 22.03 -2.73 0.10
N VAL B 71 23.30 -2.35 0.22
CA VAL B 71 24.37 -3.11 -0.43
C VAL B 71 24.78 -4.30 0.41
N ASP B 72 24.29 -4.36 1.65
CA ASP B 72 24.51 -5.53 2.50
C ASP B 72 23.75 -6.73 1.97
N LEU B 73 22.78 -6.47 1.09
CA LEU B 73 21.94 -7.52 0.53
C LEU B 73 22.56 -8.15 -0.71
N THR B 74 22.14 -9.37 -1.02
CA THR B 74 22.52 -10.03 -2.27
C THR B 74 22.03 -9.22 -3.45
N LEU B 75 22.70 -9.37 -4.59
CA LEU B 75 22.33 -8.65 -5.80
C LEU B 75 20.93 -9.02 -6.24
N HIS B 76 20.58 -10.29 -6.06
CA HIS B 76 19.25 -10.80 -6.36
C HIS B 76 18.19 -10.05 -5.57
N ASP B 77 18.47 -9.80 -4.30
CA ASP B 77 17.53 -9.09 -3.44
C ASP B 77 17.42 -7.61 -3.82
N GLN B 78 18.57 -6.97 -4.05
CA GLN B 78 18.61 -5.58 -4.51
C GLN B 78 17.78 -5.37 -5.78
N VAL B 79 17.98 -6.25 -6.75
CA VAL B 79 17.21 -6.23 -8.00
C VAL B 79 15.72 -6.27 -7.69
N HIS B 80 15.31 -7.27 -6.90
CA HIS B 80 13.91 -7.45 -6.54
C HIS B 80 13.29 -6.22 -5.89
N LEU B 81 13.96 -5.65 -4.89
CA LEU B 81 13.44 -4.48 -4.20
C LEU B 81 13.20 -3.33 -5.18
N LEU B 82 14.16 -3.10 -6.07
CA LEU B 82 14.04 -2.02 -7.05
C LEU B 82 12.95 -2.26 -8.07
N GLU B 83 12.86 -3.49 -8.58
CA GLU B 83 11.82 -3.87 -9.54
C GLU B 83 10.44 -3.61 -8.96
N CYS B 84 10.28 -3.97 -7.69
CA CYS B 84 9.04 -3.71 -6.98
C CYS B 84 8.77 -2.21 -6.77
N ALA B 85 9.79 -1.47 -6.33
CA ALA B 85 9.55 -0.14 -5.77
C ALA B 85 9.74 1.04 -6.73
N TRP B 86 10.31 0.81 -7.92
CA TRP B 86 10.82 1.93 -8.73
C TRP B 86 9.80 3.03 -9.03
N LEU B 87 8.57 2.63 -9.34
CA LEU B 87 7.52 3.59 -9.69
C LEU B 87 7.00 4.30 -8.45
N GLU B 88 6.89 3.56 -7.35
CA GLU B 88 6.57 4.16 -6.06
C GLU B 88 7.54 5.29 -5.72
N ILE B 89 8.83 5.02 -5.96
CA ILE B 89 9.88 5.95 -5.61
C ILE B 89 9.90 7.16 -6.55
N LEU B 90 9.73 6.92 -7.85
CA LEU B 90 9.56 8.04 -8.77
C LEU B 90 8.37 8.89 -8.33
N MET B 91 7.25 8.25 -8.01
CA MET B 91 6.03 8.99 -7.68
C MET B 91 6.13 9.82 -6.40
N ILE B 92 6.78 9.30 -5.37
CA ILE B 92 6.89 10.06 -4.13
C ILE B 92 7.90 11.19 -4.36
N GLY B 93 8.84 10.97 -5.27
CA GLY B 93 9.69 12.04 -5.75
C GLY B 93 8.85 13.11 -6.41
N LEU B 94 7.96 12.68 -7.31
CA LEU B 94 7.12 13.60 -8.06
C LEU B 94 6.24 14.43 -7.12
N VAL B 95 5.68 13.77 -6.12
CA VAL B 95 4.80 14.38 -5.14
C VAL B 95 5.54 15.37 -4.22
N TRP B 96 6.75 15.01 -3.82
CA TRP B 96 7.56 15.87 -2.95
C TRP B 96 7.89 17.20 -3.64
N ARG B 97 8.34 17.14 -4.88
CA ARG B 97 8.74 18.37 -5.57
C ARG B 97 7.55 19.12 -6.14
N SER B 98 6.34 18.58 -5.97
CA SER B 98 5.13 19.23 -6.45
C SER B 98 4.39 19.96 -5.32
N MET B 99 4.89 19.82 -4.09
CA MET B 99 4.24 20.39 -2.90
C MET B 99 3.83 21.86 -3.03
N GLU B 100 4.79 22.71 -3.39
CA GLU B 100 4.56 24.14 -3.45
C GLU B 100 3.89 24.57 -4.76
N HIS B 101 3.32 23.62 -5.48
CA HIS B 101 2.58 23.92 -6.69
C HIS B 101 1.19 23.26 -6.66
N PRO B 102 0.30 23.79 -5.79
CA PRO B 102 -1.03 23.19 -5.62
C PRO B 102 -1.81 23.06 -6.92
N GLY B 103 -2.47 21.91 -7.09
CA GLY B 103 -3.26 21.65 -8.27
C GLY B 103 -2.41 21.42 -9.51
N LYS B 104 -1.10 21.26 -9.34
CA LYS B 104 -0.20 20.99 -10.45
C LYS B 104 0.89 19.99 -10.07
N LEU B 105 1.40 19.27 -11.08
CA LEU B 105 2.47 18.30 -10.88
C LEU B 105 3.76 18.77 -11.56
N LEU B 106 4.84 18.88 -10.79
CA LEU B 106 6.12 19.31 -11.33
C LEU B 106 6.96 18.08 -11.68
N PHE B 107 6.74 17.54 -12.87
CA PHE B 107 7.53 16.43 -13.38
C PHE B 107 8.99 16.83 -13.54
N ALA B 108 9.19 18.04 -14.05
CA ALA B 108 10.53 18.60 -14.17
C ALA B 108 10.43 20.11 -13.93
N PRO B 109 11.57 20.76 -13.64
CA PRO B 109 11.58 22.23 -13.54
C PRO B 109 11.01 22.91 -14.79
N ASN B 110 11.11 22.24 -15.93
CA ASN B 110 10.56 22.81 -17.16
C ASN B 110 9.29 22.11 -17.61
N LEU B 111 8.79 21.17 -16.81
CA LEU B 111 7.56 20.44 -17.13
C LEU B 111 6.58 20.46 -15.95
N LEU B 112 5.70 21.45 -15.98
CA LEU B 112 4.78 21.73 -14.88
C LEU B 112 3.36 21.58 -15.40
N LEU B 113 2.66 20.53 -14.99
CA LEU B 113 1.38 20.20 -15.61
C LEU B 113 0.17 20.27 -14.67
N ASP B 114 -0.95 20.73 -15.22
CA ASP B 114 -2.22 20.70 -14.51
C ASP B 114 -3.04 19.50 -14.98
N ARG B 115 -4.20 19.30 -14.39
CA ARG B 115 -5.08 18.20 -14.76
C ARG B 115 -5.74 18.45 -16.11
N ASN B 116 -5.77 19.72 -16.53
CA ASN B 116 -6.42 20.12 -17.77
C ASN B 116 -5.61 19.78 -19.03
N GLN B 117 -4.62 18.90 -18.88
CA GLN B 117 -3.80 18.44 -19.99
C GLN B 117 -3.46 16.96 -19.82
N GLY B 118 -4.45 16.09 -19.95
CA GLY B 118 -4.24 14.68 -19.64
C GLY B 118 -4.81 13.69 -20.65
N LYS B 119 -5.22 12.53 -20.14
CA LYS B 119 -5.80 11.46 -20.94
C LYS B 119 -4.86 11.00 -22.05
N MET B 124 -5.69 8.24 -17.27
CA MET B 124 -4.58 8.97 -16.66
C MET B 124 -5.05 10.00 -15.64
N VAL B 125 -6.14 10.68 -15.96
CA VAL B 125 -6.60 11.83 -15.18
C VAL B 125 -6.77 11.49 -13.70
N GLU B 126 -7.10 10.24 -13.40
CA GLU B 126 -7.36 9.84 -12.02
C GLU B 126 -6.06 9.57 -11.24
N ILE B 127 -5.09 8.97 -11.92
CA ILE B 127 -3.75 8.83 -11.35
C ILE B 127 -3.17 10.21 -11.06
N PHE B 128 -3.42 11.13 -12.00
CA PHE B 128 -3.04 12.52 -11.86
C PHE B 128 -3.64 13.13 -10.59
N ASP B 129 -4.96 12.95 -10.43
CA ASP B 129 -5.67 13.50 -9.28
C ASP B 129 -5.19 12.89 -7.97
N MET B 130 -4.93 11.60 -8.00
CA MET B 130 -4.39 10.90 -6.83
C MET B 130 -3.05 11.49 -6.41
N LEU B 131 -2.16 11.68 -7.38
CA LEU B 131 -0.89 12.33 -7.13
C LEU B 131 -1.11 13.74 -6.58
N LEU B 132 -2.10 14.45 -7.12
CA LEU B 132 -2.44 15.78 -6.64
C LEU B 132 -2.89 15.76 -5.18
N ALA B 133 -3.77 14.82 -4.85
CA ALA B 133 -4.24 14.66 -3.48
C ALA B 133 -3.08 14.39 -2.52
N THR B 134 -2.19 13.47 -2.91
CA THR B 134 -1.05 13.11 -2.07
C THR B 134 -0.15 14.31 -1.83
N SER B 135 0.13 15.06 -2.88
CA SER B 135 0.90 16.30 -2.77
C SER B 135 0.21 17.26 -1.81
N SER B 136 -1.09 17.42 -2.01
CA SER B 136 -1.90 18.24 -1.14
C SER B 136 -1.77 17.78 0.32
N ARG B 137 -1.66 16.47 0.50
CA ARG B 137 -1.52 15.91 1.84
C ARG B 137 -0.16 16.27 2.45
N PHE B 138 0.92 16.11 1.68
CA PHE B 138 2.25 16.51 2.13
C PHE B 138 2.29 17.97 2.54
N ARG B 139 1.61 18.80 1.76
CA ARG B 139 1.61 20.24 2.00
C ARG B 139 0.96 20.58 3.33
N MET B 140 -0.24 20.07 3.56
CA MET B 140 -0.97 20.36 4.80
C MET B 140 -0.27 19.77 6.03
N MET B 141 0.38 18.63 5.85
CA MET B 141 1.19 18.02 6.90
C MET B 141 2.47 18.81 7.15
N ASN B 142 2.84 19.64 6.17
CA ASN B 142 4.12 20.34 6.18
C ASN B 142 5.25 19.32 6.27
N LEU B 143 5.26 18.39 5.33
CA LEU B 143 6.26 17.34 5.29
C LEU B 143 7.68 17.90 5.14
N GLN B 144 8.59 17.43 5.99
CA GLN B 144 9.97 17.92 6.00
C GLN B 144 10.86 17.08 5.11
N GLY B 145 11.96 17.66 4.63
CA GLY B 145 12.89 16.97 3.75
C GLY B 145 13.49 15.74 4.40
N GLU B 146 13.76 15.84 5.69
CA GLU B 146 14.35 14.74 6.46
C GLU B 146 13.34 13.61 6.61
N GLU B 147 12.07 13.97 6.67
CA GLU B 147 10.99 12.98 6.75
C GLU B 147 10.82 12.30 5.40
N PHE B 148 10.88 13.09 4.34
CA PHE B 148 10.73 12.58 2.98
C PHE B 148 11.79 11.52 2.67
N VAL B 149 13.06 11.83 2.90
CA VAL B 149 14.13 10.88 2.57
C VAL B 149 13.99 9.58 3.40
N CYS B 150 13.53 9.70 4.64
CA CYS B 150 13.21 8.52 5.43
C CYS B 150 12.11 7.71 4.77
N LEU B 151 11.05 8.39 4.31
CA LEU B 151 9.92 7.72 3.67
C LEU B 151 10.30 6.98 2.40
N LYS B 152 11.15 7.61 1.58
CA LYS B 152 11.53 7.04 0.30
C LYS B 152 12.37 5.78 0.49
N SER B 153 13.25 5.81 1.49
CA SER B 153 14.08 4.66 1.83
C SER B 153 13.25 3.51 2.36
N ILE B 154 12.24 3.84 3.16
CA ILE B 154 11.32 2.83 3.68
C ILE B 154 10.64 2.11 2.54
N ILE B 155 10.19 2.88 1.55
CA ILE B 155 9.53 2.31 0.37
C ILE B 155 10.42 1.27 -0.32
N LEU B 156 11.69 1.62 -0.48
CA LEU B 156 12.66 0.75 -1.15
C LEU B 156 12.83 -0.58 -0.43
N LEU B 157 12.88 -0.53 0.89
CA LEU B 157 13.13 -1.71 1.69
C LEU B 157 11.87 -2.50 1.96
N ASN B 158 10.74 -1.79 2.14
CA ASN B 158 9.51 -2.47 2.52
C ASN B 158 8.76 -3.13 1.38
N SER B 159 8.70 -2.46 0.23
CA SER B 159 7.69 -2.77 -0.77
C SER B 159 7.79 -4.17 -1.35
N GLY B 160 9.00 -4.72 -1.41
CA GLY B 160 9.19 -6.06 -1.95
C GLY B 160 9.71 -7.06 -0.94
N VAL B 161 9.61 -6.75 0.35
CA VAL B 161 10.18 -7.61 1.39
C VAL B 161 9.36 -8.87 1.65
N TYR B 162 8.06 -8.84 1.36
CA TYR B 162 7.23 -10.02 1.60
C TYR B 162 6.93 -10.77 0.30
N THR B 163 7.81 -10.59 -0.69
CA THR B 163 7.76 -11.37 -1.92
C THR B 163 9.18 -11.80 -2.33
N LYS B 170 15.44 -21.96 1.72
CA LYS B 170 16.59 -21.16 1.30
C LYS B 170 17.02 -20.22 2.42
N SER B 171 17.49 -19.02 2.06
CA SER B 171 18.02 -18.12 3.08
C SER B 171 17.55 -16.68 2.99
N LEU B 172 17.43 -16.10 4.18
CA LEU B 172 16.90 -14.78 4.48
C LEU B 172 16.28 -14.89 5.89
N GLU B 173 16.98 -14.51 6.97
CA GLU B 173 18.30 -13.84 7.06
C GLU B 173 18.28 -12.44 6.47
N GLU B 174 18.46 -12.32 5.15
CA GLU B 174 18.28 -11.05 4.45
C GLU B 174 16.99 -10.33 4.84
N LYS B 175 15.89 -11.07 4.84
CA LYS B 175 14.58 -10.50 5.13
C LYS B 175 14.52 -9.91 6.53
N ASP B 176 15.14 -10.59 7.49
CA ASP B 176 15.15 -10.12 8.87
C ASP B 176 16.09 -8.92 9.02
N HIS B 177 17.15 -8.90 8.20
CA HIS B 177 18.08 -7.77 8.19
C HIS B 177 17.40 -6.49 7.69
N ILE B 178 16.51 -6.65 6.72
CA ILE B 178 15.72 -5.54 6.20
C ILE B 178 14.83 -4.96 7.29
N HIS B 179 14.35 -5.82 8.18
CA HIS B 179 13.46 -5.38 9.25
C HIS B 179 14.22 -4.58 10.30
N ARG B 180 15.50 -4.90 10.47
CA ARG B 180 16.34 -4.15 11.39
C ARG B 180 16.55 -2.72 10.91
N VAL B 181 16.92 -2.56 9.64
CA VAL B 181 17.19 -1.22 9.12
C VAL B 181 15.87 -0.45 9.01
N LEU B 182 14.79 -1.17 8.68
CA LEU B 182 13.45 -0.58 8.68
C LEU B 182 13.15 -0.04 10.07
N ASP B 183 13.42 -0.88 11.07
CA ASP B 183 13.23 -0.45 12.44
C ASP B 183 14.14 0.72 12.78
N LYS B 184 15.31 0.82 12.14
CA LYS B 184 16.20 1.92 12.48
C LYS B 184 15.73 3.22 11.82
N ILE B 185 15.04 3.11 10.69
CA ILE B 185 14.47 4.29 10.05
C ILE B 185 13.23 4.78 10.82
N THR B 186 12.64 3.92 11.64
CA THR B 186 11.51 4.31 12.46
C THR B 186 11.90 5.24 13.62
N ASP B 187 12.92 4.89 14.41
CA ASP B 187 13.33 5.79 15.48
C ASP B 187 13.86 7.09 14.89
N THR B 188 14.48 6.98 13.72
CA THR B 188 15.00 8.17 13.03
C THR B 188 13.84 9.14 12.81
N LEU B 189 12.76 8.63 12.22
CA LEU B 189 11.56 9.42 12.04
C LEU B 189 11.04 10.01 13.34
N ILE B 190 10.90 9.16 14.36
CA ILE B 190 10.50 9.61 15.69
C ILE B 190 11.48 10.65 16.23
N HIS B 191 12.77 10.34 16.10
CA HIS B 191 13.85 11.26 16.47
C HIS B 191 13.65 12.62 15.81
N LEU B 192 13.27 12.60 14.54
CA LEU B 192 13.03 13.83 13.79
C LEU B 192 11.85 14.59 14.38
N MET B 193 10.79 13.88 14.70
CA MET B 193 9.58 14.51 15.20
C MET B 193 9.76 15.04 16.62
N ALA B 194 10.65 14.40 17.38
CA ALA B 194 10.93 14.82 18.75
C ALA B 194 11.66 16.17 18.81
N LYS B 195 12.61 16.39 17.91
CA LYS B 195 13.34 17.67 17.89
C LYS B 195 12.45 18.77 17.33
N ALA B 196 11.42 18.40 16.60
CA ALA B 196 10.48 19.38 16.05
C ALA B 196 9.58 19.96 17.14
N GLY B 197 9.64 19.37 18.33
CA GLY B 197 8.86 19.85 19.46
C GLY B 197 7.54 19.12 19.68
N LEU B 198 7.31 18.05 18.91
CA LEU B 198 6.06 17.30 19.01
C LEU B 198 5.98 16.48 20.29
N THR B 199 4.80 16.44 20.89
CA THR B 199 4.54 15.60 22.04
C THR B 199 4.56 14.13 21.61
N LEU B 200 4.56 13.22 22.58
CA LEU B 200 4.53 11.79 22.28
C LEU B 200 3.33 11.43 21.42
N GLN B 201 2.16 11.90 21.85
CA GLN B 201 0.92 11.67 21.11
C GLN B 201 1.00 12.20 19.68
N GLN B 202 1.61 13.37 19.52
CA GLN B 202 1.76 13.98 18.21
C GLN B 202 2.75 13.20 17.36
N GLN B 203 3.76 12.63 18.00
CA GLN B 203 4.76 11.85 17.30
C GLN B 203 4.12 10.60 16.71
N HIS B 204 3.47 9.80 17.56
CA HIS B 204 2.76 8.61 17.12
C HIS B 204 1.80 8.92 15.97
N GLN B 205 0.96 9.95 16.16
CA GLN B 205 -0.01 10.33 15.14
C GLN B 205 0.64 10.75 13.82
N ARG B 206 1.71 11.51 13.87
CA ARG B 206 2.36 11.95 12.65
C ARG B 206 3.03 10.77 11.94
N LEU B 207 3.70 9.92 12.72
CA LEU B 207 4.30 8.70 12.20
C LEU B 207 3.25 7.89 11.42
N ALA B 208 2.11 7.66 12.06
CA ALA B 208 1.01 6.94 11.44
C ALA B 208 0.52 7.61 10.16
N GLN B 209 0.35 8.93 10.18
CA GLN B 209 -0.06 9.70 9.00
C GLN B 209 0.90 9.53 7.84
N LEU B 210 2.19 9.50 8.13
CA LEU B 210 3.20 9.36 7.09
C LEU B 210 3.16 7.97 6.48
N LEU B 211 3.05 6.97 7.34
CA LEU B 211 3.15 5.61 6.87
C LEU B 211 1.87 5.22 6.13
N LEU B 212 0.74 5.83 6.49
CA LEU B 212 -0.51 5.54 5.78
C LEU B 212 -0.45 6.09 4.35
N ILE B 213 0.33 7.14 4.15
CA ILE B 213 0.52 7.70 2.82
C ILE B 213 1.20 6.67 1.91
N LEU B 214 2.05 5.83 2.49
CA LEU B 214 2.75 4.80 1.72
C LEU B 214 1.80 3.81 1.07
N SER B 215 0.67 3.54 1.73
CA SER B 215 -0.37 2.70 1.16
C SER B 215 -0.97 3.32 -0.09
N HIS B 216 -1.13 4.63 -0.07
CA HIS B 216 -1.64 5.36 -1.23
C HIS B 216 -0.62 5.37 -2.36
N ILE B 217 0.65 5.48 -1.99
CA ILE B 217 1.71 5.50 -2.99
C ILE B 217 1.84 4.12 -3.63
N ARG B 218 1.73 3.07 -2.82
CA ARG B 218 1.64 1.73 -3.36
C ARG B 218 0.48 1.61 -4.35
N HIS B 219 -0.67 2.16 -3.97
CA HIS B 219 -1.87 2.07 -4.80
C HIS B 219 -1.68 2.76 -6.15
N MET B 220 -1.09 3.95 -6.12
CA MET B 220 -0.84 4.72 -7.33
C MET B 220 0.16 4.01 -8.24
N SER B 221 1.20 3.45 -7.64
CA SER B 221 2.17 2.65 -8.38
C SER B 221 1.49 1.53 -9.16
N ASN B 222 0.64 0.75 -8.48
CA ASN B 222 -0.05 -0.38 -9.11
C ASN B 222 -0.98 0.03 -10.25
N LYS B 223 -1.74 1.11 -10.04
CA LYS B 223 -2.61 1.63 -11.09
C LYS B 223 -1.77 2.16 -12.26
N GLY B 224 -0.65 2.79 -11.92
CA GLY B 224 0.30 3.26 -12.92
C GLY B 224 0.88 2.17 -13.81
N MET B 225 1.28 1.05 -13.23
CA MET B 225 1.83 -0.07 -14.00
C MET B 225 0.82 -0.62 -15.00
N GLU B 226 -0.43 -0.69 -14.57
CA GLU B 226 -1.51 -1.18 -15.43
C GLU B 226 -1.68 -0.27 -16.64
N HIS B 227 -1.57 1.03 -16.43
CA HIS B 227 -1.65 1.99 -17.52
C HIS B 227 -0.41 1.88 -18.41
N LEU B 228 0.73 1.60 -17.80
CA LEU B 228 1.98 1.46 -18.53
C LEU B 228 2.03 0.18 -19.35
N TYR B 229 1.50 -0.91 -18.78
CA TYR B 229 1.43 -2.18 -19.49
C TYR B 229 0.50 -2.06 -20.69
N SER B 230 -0.63 -1.39 -20.48
CA SER B 230 -1.59 -1.10 -21.54
C SER B 230 -0.94 -0.25 -22.63
N MET B 231 -0.08 0.66 -22.22
CA MET B 231 0.60 1.57 -23.13
C MET B 231 1.62 0.83 -24.00
N LYS B 232 2.33 -0.13 -23.40
CA LYS B 232 3.30 -0.95 -24.12
C LYS B 232 2.63 -1.84 -25.17
N CYS B 233 1.59 -2.58 -24.75
CA CYS B 233 0.90 -3.50 -25.65
C CYS B 233 0.24 -2.75 -26.80
N LYS B 234 -0.13 -1.50 -26.56
CA LYS B 234 -0.75 -0.68 -27.59
C LYS B 234 0.31 -0.03 -28.47
N ASN B 235 1.58 -0.34 -28.19
CA ASN B 235 2.75 0.17 -28.91
C ASN B 235 2.55 1.57 -29.51
N VAL B 236 2.52 2.58 -28.64
CA VAL B 236 2.08 3.93 -28.99
C VAL B 236 3.26 4.90 -29.06
N VAL B 237 4.07 4.93 -28.01
CA VAL B 237 5.39 5.57 -27.96
C VAL B 237 6.31 4.69 -27.15
N PRO B 238 7.63 4.71 -27.46
CA PRO B 238 8.49 3.64 -26.95
C PRO B 238 8.85 3.73 -25.47
N LEU B 239 8.97 2.56 -24.84
CA LEU B 239 9.62 2.40 -23.56
C LEU B 239 11.07 2.00 -23.77
N SER B 240 11.97 2.51 -22.93
CA SER B 240 13.37 2.14 -23.02
C SER B 240 13.57 0.69 -22.61
N ASP B 241 14.75 0.15 -22.90
CA ASP B 241 15.05 -1.25 -22.60
C ASP B 241 14.99 -1.55 -21.10
N LEU B 242 15.42 -0.59 -20.29
CA LEU B 242 15.40 -0.75 -18.83
C LEU B 242 13.99 -0.64 -18.29
N LEU B 243 13.23 0.31 -18.82
CA LEU B 243 11.85 0.53 -18.38
C LEU B 243 10.98 -0.68 -18.72
N LEU B 244 11.26 -1.29 -19.88
CA LEU B 244 10.56 -2.51 -20.29
C LEU B 244 10.85 -3.66 -19.34
N GLU B 245 12.12 -3.81 -18.96
CA GLU B 245 12.50 -4.87 -18.04
C GLU B 245 11.87 -4.66 -16.68
N MET B 246 11.86 -3.40 -16.21
CA MET B 246 11.27 -3.05 -14.93
C MET B 246 9.78 -3.35 -14.93
N LEU B 247 9.11 -2.97 -16.02
CA LEU B 247 7.67 -3.13 -16.15
C LEU B 247 7.30 -4.60 -16.23
N ASP B 248 8.12 -5.38 -16.92
CA ASP B 248 7.86 -6.81 -17.07
C ASP B 248 7.90 -7.55 -15.74
N ALA B 249 8.66 -7.00 -14.79
CA ALA B 249 8.77 -7.62 -13.47
C ALA B 249 7.42 -7.64 -12.75
N HIS B 250 6.58 -6.65 -13.04
CA HIS B 250 5.28 -6.54 -12.38
C HIS B 250 4.17 -7.30 -13.11
N ARG B 251 4.32 -7.44 -14.43
CA ARG B 251 3.30 -8.08 -15.25
C ARG B 251 3.28 -9.59 -15.06
N HIS C 2 -28.10 3.65 -10.04
CA HIS C 2 -27.94 3.45 -8.60
C HIS C 2 -27.12 2.18 -8.33
N LYS C 3 -26.71 2.01 -7.07
CA LYS C 3 -25.86 0.90 -6.66
C LYS C 3 -26.50 0.07 -5.55
N ILE C 4 -26.30 -1.24 -5.58
CA ILE C 4 -26.73 -2.12 -4.51
C ILE C 4 -26.15 -1.68 -3.15
N LEU C 5 -24.93 -1.16 -3.17
CA LEU C 5 -24.29 -0.69 -1.96
C LEU C 5 -25.07 0.47 -1.34
N HIS C 6 -25.63 1.34 -2.17
CA HIS C 6 -26.51 2.42 -1.72
C HIS C 6 -27.63 1.88 -0.83
N ARG C 7 -28.27 0.82 -1.29
CA ARG C 7 -29.40 0.23 -0.56
C ARG C 7 -28.96 -0.43 0.75
N LEU C 8 -27.86 -1.18 0.70
CA LEU C 8 -27.42 -1.99 1.83
C LEU C 8 -26.93 -1.14 3.01
N LEU C 9 -26.38 0.04 2.72
CA LEU C 9 -25.86 0.91 3.76
C LEU C 9 -26.95 1.64 4.55
N GLN C 10 -28.21 1.32 4.28
CA GLN C 10 -29.31 1.97 4.99
C GLN C 10 -29.86 1.09 6.12
N ASP C 11 -31.19 0.95 6.16
CA ASP C 11 -31.94 0.27 7.23
C ASP C 11 -31.17 0.06 8.54
N LYS D 3 20.39 -8.95 -18.02
CA LYS D 3 19.51 -8.18 -17.15
C LYS D 3 20.11 -6.81 -16.85
N ILE D 4 19.47 -5.77 -17.37
CA ILE D 4 20.02 -4.42 -17.31
C ILE D 4 20.19 -3.90 -15.89
N LEU D 5 19.15 -4.04 -15.07
CA LEU D 5 19.18 -3.61 -13.69
C LEU D 5 20.27 -4.35 -12.90
N HIS D 6 20.40 -5.64 -13.16
CA HIS D 6 21.42 -6.45 -12.52
C HIS D 6 22.81 -5.87 -12.79
N ARG D 7 23.03 -5.43 -14.03
CA ARG D 7 24.29 -4.82 -14.42
C ARG D 7 24.62 -3.59 -13.59
N LEU D 8 23.69 -2.63 -13.58
CA LEU D 8 23.95 -1.31 -13.02
C LEU D 8 24.23 -1.35 -11.52
N LEU D 9 23.59 -2.28 -10.81
CA LEU D 9 23.90 -2.51 -9.41
C LEU D 9 25.34 -2.98 -9.24
N GLN D 10 25.73 -3.93 -10.09
CA GLN D 10 27.10 -4.44 -10.11
C GLN D 10 28.10 -3.34 -10.50
N ASP D 11 27.89 -2.78 -11.69
CA ASP D 11 28.79 -1.76 -12.23
C ASP D 11 28.47 -0.38 -11.67
C01 5K2 E . -9.47 -12.93 -4.38
C02 5K2 E . -8.09 -13.05 -5.06
C03 5K2 E . -7.28 -14.07 -4.53
C04 5K2 E . -6.23 -14.58 -5.32
C05 5K2 E . -5.40 -15.59 -4.80
C06 5K2 E . -5.62 -16.10 -3.51
C07 5K2 E . -6.66 -15.59 -2.71
C08 5K2 E . -7.50 -14.57 -3.21
C09 5K2 E . -8.53 -14.07 -2.40
C10 5K2 E . -9.60 -13.38 -3.03
C11 5K2 E . -10.93 -13.59 -2.56
C12 5K2 E . -11.99 -13.49 -3.48
C13 5K2 E . -12.19 -14.52 -4.43
C14 5K2 E . -13.25 -14.45 -5.35
C15 5K2 E . -14.12 -13.33 -5.28
O01 5K2 E . -15.15 -13.27 -6.18
C16 5K2 E . -13.96 -12.31 -4.35
C17 5K2 E . -12.88 -12.38 -3.43
C18 5K2 E . -11.27 -13.66 -1.19
C19 5K2 E . -12.42 -14.40 -0.82
C20 5K2 E . -12.83 -14.49 0.53
C21 5K2 E . -12.05 -13.84 1.51
O02 5K2 E . -12.41 -13.92 2.82
C22 5K2 E . -10.90 -13.10 1.16
C23 5K2 E . -10.52 -13.01 -0.19
C01 5K2 F . 3.33 7.33 -14.74
C02 5K2 F . 1.80 7.40 -14.51
C03 5K2 F . 1.34 8.71 -14.40
C04 5K2 F . 0.03 9.00 -14.80
C05 5K2 F . -0.46 10.33 -14.68
C06 5K2 F . 0.37 11.34 -14.14
C07 5K2 F . 1.68 11.05 -13.73
C08 5K2 F . 2.17 9.73 -13.85
C09 5K2 F . 3.49 9.44 -13.44
C10 5K2 F . 4.11 8.33 -14.08
C11 5K2 F . 5.46 8.44 -14.51
C12 5K2 F . 5.92 7.61 -15.53
C13 5K2 F . 5.56 7.87 -16.88
C14 5K2 F . 6.03 7.04 -17.92
C15 5K2 F . 6.87 5.96 -17.58
O01 5K2 F . 7.33 5.15 -18.59
C16 5K2 F . 7.26 5.69 -16.26
C17 5K2 F . 6.78 6.52 -15.23
C18 5K2 F . 6.42 9.21 -13.81
C19 5K2 F . 7.47 9.77 -14.57
C20 5K2 F . 8.46 10.54 -13.92
C21 5K2 F . 8.40 10.72 -12.53
O02 5K2 F . 9.36 11.46 -11.90
C22 5K2 F . 7.36 10.16 -11.77
C23 5K2 F . 6.37 9.39 -12.41
#